data_2M53
#
_entry.id   2M53
#
_entity_poly.entity_id   1
_entity_poly.type   'polydeoxyribonucleotide'
_entity_poly.pdbx_seq_one_letter_code
;(DT)(DG)(DT)(DG)(LCG)(DG)(DG)(DG)(DT)(DG)(DG)(DA)(DC)(DG)(DG)(DG)(DC)(DC)(DG)
(DG)(LCG)(DT)(DA)(LCG)(DA)
;
_entity_poly.pdbx_strand_id   A
#